data_1QSO
#
_entry.id   1QSO
#
_cell.length_a   147.500
_cell.length_b   187.100
_cell.length_c   68.700
_cell.angle_alpha   90.00
_cell.angle_beta   90.00
_cell.angle_gamma   90.00
#
_symmetry.space_group_name_H-M   'C 2 2 21'
#
_entity_poly.entity_id   1
_entity_poly.type   'polypeptide(L)'
_entity_poly.pdbx_seq_one_letter_code
;NITVRFVTENDKEGWQRLWKSYQDFYEVSFPDDLDDFNFGRFLDPNIKMWAAVAVESSSEKIIGMINFFNHMTTWDFKDK
IYINDLYVDENSRVKGAGGKLIQFVYDEADKLGTPSVYWCTDESNHRAQLLYVKVGYKAPKILYKRKGY
;
_entity_poly.pdbx_strand_id   A,B,C,D
#
# COMPACT_ATOMS: atom_id res chain seq x y z
N ASN A 1 -20.21 10.67 29.48
CA ASN A 1 -20.40 10.38 28.02
C ASN A 1 -19.35 11.08 27.17
N ILE A 2 -18.21 11.40 27.80
CA ILE A 2 -17.09 12.05 27.12
C ILE A 2 -17.35 13.50 26.70
N THR A 3 -16.36 14.35 26.92
CA THR A 3 -16.41 15.78 26.56
C THR A 3 -15.00 16.28 26.23
N VAL A 4 -14.82 16.77 25.02
CA VAL A 4 -13.52 17.26 24.57
C VAL A 4 -13.36 18.77 24.76
N ARG A 5 -12.21 19.17 25.29
CA ARG A 5 -11.90 20.59 25.53
C ARG A 5 -10.39 20.80 25.39
N PHE A 6 -10.01 22.06 25.15
CA PHE A 6 -8.60 22.43 25.04
C PHE A 6 -7.99 22.29 26.42
N VAL A 7 -6.78 21.74 26.47
CA VAL A 7 -6.10 21.55 27.74
C VAL A 7 -5.93 22.84 28.55
N THR A 8 -6.05 22.69 29.88
CA THR A 8 -5.89 23.81 30.80
C THR A 8 -4.58 23.56 31.53
N GLU A 9 -4.09 24.56 32.27
CA GLU A 9 -2.84 24.40 33.01
C GLU A 9 -2.96 23.24 33.98
N ASN A 10 -4.20 22.94 34.37
CA ASN A 10 -4.49 21.85 35.30
C ASN A 10 -4.70 20.49 34.68
N ASP A 11 -4.41 20.36 33.38
CA ASP A 11 -4.57 19.09 32.67
C ASP A 11 -3.24 18.44 32.30
N LYS A 12 -2.17 19.21 32.44
CA LYS A 12 -0.83 18.76 32.08
C LYS A 12 -0.40 17.40 32.62
N GLU A 13 -0.72 17.13 33.88
CA GLU A 13 -0.35 15.88 34.50
C GLU A 13 -1.10 14.69 33.92
N GLY A 14 -2.40 14.86 33.72
CA GLY A 14 -3.23 13.80 33.16
C GLY A 14 -2.87 13.55 31.71
N TRP A 15 -2.53 14.62 31.00
CA TRP A 15 -2.14 14.55 29.60
C TRP A 15 -0.78 13.85 29.50
N GLN A 16 0.08 14.11 30.48
CA GLN A 16 1.41 13.49 30.50
C GLN A 16 1.30 11.99 30.74
N ARG A 17 0.21 11.57 31.37
CA ARG A 17 -0.05 10.17 31.65
C ARG A 17 -0.22 9.47 30.29
N LEU A 18 -0.95 10.12 29.40
CA LEU A 18 -1.20 9.60 28.05
C LEU A 18 0.06 9.67 27.20
N TRP A 19 0.72 10.83 27.23
CA TRP A 19 1.94 11.07 26.47
C TRP A 19 2.91 9.91 26.62
N LYS A 20 2.95 9.34 27.82
CA LYS A 20 3.83 8.21 28.09
C LYS A 20 3.26 6.91 27.53
N SER A 21 1.98 6.68 27.79
CA SER A 21 1.30 5.48 27.29
C SER A 21 1.44 5.45 25.77
N TYR A 22 1.28 6.62 25.17
CA TYR A 22 1.39 6.84 23.74
C TYR A 22 2.78 6.47 23.25
N GLN A 23 3.79 6.89 23.99
CA GLN A 23 5.17 6.59 23.64
C GLN A 23 5.43 5.10 23.65
N ASP A 24 4.94 4.42 24.68
CA ASP A 24 5.10 2.97 24.79
C ASP A 24 4.50 2.29 23.57
N PHE A 25 3.25 2.60 23.31
CA PHE A 25 2.53 2.07 22.16
C PHE A 25 3.35 2.19 20.88
N TYR A 26 3.89 3.37 20.63
CA TYR A 26 4.69 3.60 19.44
C TYR A 26 6.17 3.22 19.58
N GLU A 27 6.51 2.48 20.65
CA GLU A 27 7.88 2.04 20.92
C GLU A 27 8.94 3.15 20.84
N VAL A 28 8.68 4.27 21.52
CA VAL A 28 9.61 5.40 21.51
C VAL A 28 9.72 6.07 22.87
N SER A 29 10.81 6.81 23.05
CA SER A 29 11.08 7.53 24.28
C SER A 29 11.63 8.91 23.94
N PHE A 30 10.76 9.91 24.06
CA PHE A 30 11.13 11.31 23.77
C PHE A 30 11.98 11.88 24.90
N PRO A 31 12.78 12.90 24.59
CA PRO A 31 13.64 13.53 25.60
C PRO A 31 12.86 13.96 26.84
N ASP A 32 13.49 13.76 27.99
CA ASP A 32 12.93 14.06 29.32
C ASP A 32 12.03 15.29 29.43
N ASP A 33 12.47 16.42 28.85
CA ASP A 33 11.73 17.66 28.94
C ASP A 33 11.08 18.14 27.64
N LEU A 34 10.35 17.27 26.99
CA LEU A 34 9.64 17.61 25.75
C LEU A 34 8.18 17.88 26.10
N ASP A 35 7.71 17.20 27.14
CA ASP A 35 6.34 17.33 27.62
C ASP A 35 6.09 18.81 27.89
N ASP A 36 7.02 19.40 28.62
CA ASP A 36 6.96 20.80 29.01
C ASP A 36 6.95 21.70 27.78
N PHE A 37 7.78 21.37 26.80
CA PHE A 37 7.89 22.15 25.57
C PHE A 37 6.56 22.18 24.82
N ASN A 38 6.04 21.00 24.48
CA ASN A 38 4.78 20.91 23.78
C ASN A 38 3.72 21.67 24.55
N PHE A 39 3.56 21.34 25.83
CA PHE A 39 2.56 22.00 26.65
C PHE A 39 2.77 23.50 26.71
N GLY A 40 3.99 23.92 26.38
CA GLY A 40 4.32 25.33 26.36
C GLY A 40 3.55 25.96 25.22
N ARG A 41 3.79 25.45 24.01
CA ARG A 41 3.11 25.95 22.82
C ARG A 41 1.62 25.65 22.88
N PHE A 42 1.26 24.53 23.50
CA PHE A 42 -0.14 24.14 23.63
C PHE A 42 -0.93 25.24 24.29
N LEU A 43 -0.33 25.83 25.33
CA LEU A 43 -0.99 26.90 26.08
C LEU A 43 -0.76 28.31 25.57
N ASP A 44 0.36 28.53 24.88
CA ASP A 44 0.64 29.85 24.32
C ASP A 44 -0.38 30.06 23.22
N PRO A 45 -1.19 31.12 23.30
CA PRO A 45 -2.20 31.41 22.29
C PRO A 45 -1.62 32.10 21.07
N ASN A 46 -0.31 31.94 20.84
CA ASN A 46 0.32 32.58 19.69
C ASN A 46 1.21 31.65 18.90
N ILE A 47 1.22 30.37 19.25
CA ILE A 47 2.05 29.41 18.55
C ILE A 47 1.26 28.70 17.45
N LYS A 48 0.01 28.38 17.76
CA LYS A 48 -0.89 27.67 16.85
C LYS A 48 -0.59 26.18 16.79
N MET A 49 -0.51 25.60 17.98
CA MET A 49 -0.31 24.19 18.21
C MET A 49 -1.19 23.95 19.42
N TRP A 50 -2.33 23.31 19.20
CA TRP A 50 -3.27 23.06 20.28
C TRP A 50 -3.26 21.59 20.63
N ALA A 51 -3.83 21.29 21.80
CA ALA A 51 -3.95 19.94 22.31
C ALA A 51 -5.24 19.94 23.10
N ALA A 52 -6.06 18.92 22.87
CA ALA A 52 -7.33 18.82 23.57
C ALA A 52 -7.41 17.44 24.20
N VAL A 53 -8.17 17.35 25.29
CA VAL A 53 -8.34 16.08 25.99
C VAL A 53 -9.80 15.74 26.18
N ALA A 54 -10.09 14.45 26.17
CA ALA A 54 -11.44 13.94 26.33
C ALA A 54 -11.53 13.41 27.74
N VAL A 55 -12.39 14.03 28.56
CA VAL A 55 -12.54 13.59 29.94
C VAL A 55 -13.90 12.93 30.17
N GLU A 56 -13.94 11.98 31.11
CA GLU A 56 -15.18 11.30 31.45
C GLU A 56 -16.12 12.28 32.13
N SER A 57 -17.41 12.20 31.79
CA SER A 57 -18.39 13.10 32.38
C SER A 57 -18.50 12.87 33.88
N SER A 58 -18.71 11.62 34.27
CA SER A 58 -18.82 11.27 35.68
C SER A 58 -17.46 11.24 36.34
N SER A 59 -16.65 10.24 35.96
CA SER A 59 -15.31 10.07 36.51
C SER A 59 -14.44 11.32 36.48
N GLU A 60 -14.72 12.22 35.54
CA GLU A 60 -13.96 13.47 35.39
C GLU A 60 -12.47 13.26 35.07
N LYS A 61 -12.10 12.01 34.81
CA LYS A 61 -10.71 11.70 34.49
C LYS A 61 -10.48 11.81 32.99
N ILE A 62 -9.31 12.35 32.63
CA ILE A 62 -8.92 12.52 31.24
C ILE A 62 -8.73 11.14 30.63
N ILE A 63 -9.37 10.90 29.49
CA ILE A 63 -9.29 9.62 28.81
C ILE A 63 -8.30 9.60 27.65
N GLY A 64 -8.49 10.52 26.71
CA GLY A 64 -7.62 10.57 25.55
C GLY A 64 -7.12 11.96 25.24
N MET A 65 -6.14 12.04 24.34
CA MET A 65 -5.54 13.29 23.92
C MET A 65 -5.45 13.39 22.40
N ILE A 66 -5.27 14.62 21.91
CA ILE A 66 -5.13 14.86 20.49
C ILE A 66 -4.35 16.14 20.30
N ASN A 67 -3.12 15.99 19.84
CA ASN A 67 -2.23 17.12 19.60
C ASN A 67 -2.28 17.42 18.12
N PHE A 68 -2.60 18.65 17.78
CA PHE A 68 -2.70 19.08 16.39
C PHE A 68 -2.15 20.48 16.21
N PHE A 69 -1.80 20.84 14.98
CA PHE A 69 -1.27 22.17 14.72
C PHE A 69 -1.47 22.67 13.28
N ASN A 70 -1.23 23.96 13.11
CA ASN A 70 -1.38 24.66 11.84
C ASN A 70 -0.09 24.71 11.04
N HIS A 71 -0.21 24.75 9.70
CA HIS A 71 0.93 24.85 8.79
C HIS A 71 0.56 25.20 7.35
N MET A 72 1.45 25.93 6.68
CA MET A 72 1.24 26.40 5.31
C MET A 72 1.16 25.34 4.21
N THR A 73 0.76 25.80 3.03
CA THR A 73 0.65 24.96 1.83
C THR A 73 0.98 25.83 0.62
N THR A 74 1.55 25.22 -0.40
CA THR A 74 1.85 25.93 -1.63
C THR A 74 0.65 25.71 -2.55
N TRP A 75 -0.28 24.86 -2.10
CA TRP A 75 -1.48 24.54 -2.88
C TRP A 75 -2.74 25.34 -2.53
N ASP A 76 -2.66 26.20 -1.51
CA ASP A 76 -3.80 27.01 -1.08
C ASP A 76 -3.39 28.22 -0.22
N PHE A 77 -4.24 29.24 -0.23
CA PHE A 77 -4.04 30.45 0.56
C PHE A 77 -4.20 30.08 2.04
N LYS A 78 -5.10 29.13 2.30
CA LYS A 78 -5.40 28.63 3.63
C LYS A 78 -4.34 27.65 4.09
N ASP A 79 -4.15 27.58 5.40
CA ASP A 79 -3.19 26.65 5.99
C ASP A 79 -3.92 25.39 6.39
N LYS A 80 -3.21 24.27 6.45
CA LYS A 80 -3.82 23.00 6.83
C LYS A 80 -3.55 22.76 8.33
N ILE A 81 -4.32 21.84 8.90
CA ILE A 81 -4.15 21.47 10.29
C ILE A 81 -3.76 20.00 10.25
N TYR A 82 -2.76 19.66 11.06
CA TYR A 82 -2.28 18.29 11.10
C TYR A 82 -2.38 17.69 12.48
N ILE A 83 -3.18 16.64 12.59
CA ILE A 83 -3.34 15.93 13.85
C ILE A 83 -2.10 15.06 13.98
N ASN A 84 -1.16 15.53 14.80
CA ASN A 84 0.11 14.84 15.02
C ASN A 84 0.03 13.64 15.96
N ASP A 85 -0.86 13.69 16.95
CA ASP A 85 -0.98 12.59 17.91
C ASP A 85 -2.42 12.36 18.35
N LEU A 86 -2.82 11.10 18.36
CA LEU A 86 -4.17 10.72 18.78
C LEU A 86 -4.01 9.47 19.65
N TYR A 87 -4.51 9.52 20.87
CA TYR A 87 -4.39 8.40 21.79
C TYR A 87 -5.49 8.32 22.87
N VAL A 88 -6.02 7.12 23.05
CA VAL A 88 -7.07 6.89 24.04
C VAL A 88 -6.55 5.90 25.08
N ASP A 89 -7.06 6.01 26.30
CA ASP A 89 -6.66 5.13 27.40
C ASP A 89 -6.91 3.68 27.03
N GLU A 90 -5.89 2.83 27.21
CA GLU A 90 -6.01 1.42 26.91
C GLU A 90 -7.07 0.82 27.83
N ASN A 91 -6.98 1.19 29.11
CA ASN A 91 -7.91 0.73 30.15
C ASN A 91 -9.34 1.07 29.78
N SER A 92 -9.51 2.08 28.93
CA SER A 92 -10.84 2.48 28.49
C SER A 92 -10.81 2.78 26.99
N ARG A 93 -10.81 1.71 26.20
CA ARG A 93 -10.82 1.77 24.73
C ARG A 93 -12.19 1.25 24.28
N VAL A 94 -12.54 1.47 23.00
CA VAL A 94 -13.83 1.02 22.44
C VAL A 94 -15.01 1.67 23.21
N LYS A 95 -15.15 2.97 23.02
CA LYS A 95 -16.18 3.74 23.69
C LYS A 95 -16.67 4.90 22.82
N GLY A 96 -15.83 5.93 22.65
CA GLY A 96 -16.24 7.06 21.84
C GLY A 96 -15.20 8.13 21.60
N ALA A 97 -14.27 8.28 22.54
CA ALA A 97 -13.19 9.26 22.42
C ALA A 97 -12.35 8.89 21.20
N GLY A 98 -11.91 9.88 20.45
CA GLY A 98 -11.14 9.59 19.26
C GLY A 98 -12.01 10.04 18.13
N GLY A 99 -13.18 9.42 18.02
CA GLY A 99 -14.12 9.80 16.99
C GLY A 99 -14.59 11.21 17.35
N LYS A 100 -14.73 11.46 18.64
CA LYS A 100 -15.15 12.76 19.16
C LYS A 100 -13.95 13.71 19.24
N LEU A 101 -12.77 13.13 19.44
CA LEU A 101 -11.54 13.89 19.53
C LEU A 101 -11.22 14.50 18.15
N ILE A 102 -11.31 13.66 17.11
CA ILE A 102 -11.07 14.09 15.73
C ILE A 102 -12.14 15.13 15.36
N GLN A 103 -13.39 14.87 15.76
CA GLN A 103 -14.49 15.77 15.46
C GLN A 103 -14.24 17.18 16.01
N PHE A 104 -13.72 17.23 17.23
CA PHE A 104 -13.41 18.49 17.90
C PHE A 104 -12.51 19.32 16.99
N VAL A 105 -11.47 18.67 16.47
CA VAL A 105 -10.51 19.31 15.59
C VAL A 105 -11.19 19.85 14.33
N TYR A 106 -12.08 19.06 13.75
CA TYR A 106 -12.81 19.48 12.54
C TYR A 106 -13.56 20.77 12.86
N ASP A 107 -14.30 20.77 13.96
CA ASP A 107 -15.09 21.91 14.42
C ASP A 107 -14.26 23.14 14.76
N GLU A 108 -13.10 22.93 15.36
CA GLU A 108 -12.22 24.04 15.70
C GLU A 108 -11.51 24.59 14.48
N ALA A 109 -11.23 23.69 13.53
CA ALA A 109 -10.57 24.06 12.29
C ALA A 109 -11.52 24.90 11.46
N ASP A 110 -12.79 24.51 11.46
CA ASP A 110 -13.81 25.23 10.70
C ASP A 110 -13.92 26.69 11.17
N LYS A 111 -13.84 26.91 12.48
CA LYS A 111 -13.90 28.26 13.04
C LYS A 111 -12.65 29.03 12.63
N LEU A 112 -11.54 28.30 12.54
CA LEU A 112 -10.26 28.90 12.15
C LEU A 112 -10.15 29.20 10.65
N GLY A 113 -11.11 28.76 9.86
CA GLY A 113 -11.06 29.00 8.44
C GLY A 113 -9.96 28.17 7.79
N THR A 114 -9.55 27.11 8.47
CA THR A 114 -8.51 26.19 7.99
C THR A 114 -9.00 24.75 8.15
N PRO A 115 -10.11 24.40 7.46
CA PRO A 115 -10.75 23.08 7.51
C PRO A 115 -10.01 21.88 6.94
N SER A 116 -8.91 22.11 6.21
CA SER A 116 -8.17 21.00 5.61
C SER A 116 -7.31 20.26 6.65
N VAL A 117 -7.91 19.26 7.29
CA VAL A 117 -7.26 18.47 8.33
C VAL A 117 -6.78 17.10 7.82
N TYR A 118 -5.68 16.61 8.39
CA TYR A 118 -5.15 15.31 8.00
C TYR A 118 -4.22 14.69 9.06
N TRP A 119 -4.00 13.38 8.95
CA TRP A 119 -3.14 12.64 9.87
C TRP A 119 -2.47 11.43 9.22
N CYS A 120 -1.77 10.65 10.04
CA CYS A 120 -1.08 9.44 9.59
C CYS A 120 -1.23 8.29 10.58
N THR A 121 -0.86 7.10 10.13
CA THR A 121 -0.92 5.90 10.95
C THR A 121 -0.11 4.81 10.27
N ASP A 122 0.28 3.77 11.01
CA ASP A 122 1.05 2.69 10.41
C ASP A 122 0.08 1.94 9.52
N GLU A 123 0.56 1.51 8.36
CA GLU A 123 -0.25 0.77 7.40
C GLU A 123 -1.02 -0.34 8.12
N SER A 124 -0.33 -1.01 9.03
CA SER A 124 -0.89 -2.13 9.78
C SER A 124 -1.66 -1.78 11.05
N ASN A 125 -2.20 -0.57 11.13
CA ASN A 125 -2.95 -0.16 12.32
C ASN A 125 -4.44 -0.24 12.01
N HIS A 126 -4.92 -1.45 11.79
CA HIS A 126 -6.32 -1.67 11.43
C HIS A 126 -7.35 -1.18 12.44
N ARG A 127 -7.04 -1.32 13.74
CA ARG A 127 -7.93 -0.90 14.82
C ARG A 127 -8.30 0.58 14.67
N ALA A 128 -7.29 1.43 14.51
CA ALA A 128 -7.51 2.87 14.36
C ALA A 128 -8.09 3.23 13.01
N GLN A 129 -7.79 2.41 12.00
CA GLN A 129 -8.31 2.63 10.65
C GLN A 129 -9.77 2.28 10.47
N LEU A 130 -10.33 1.53 11.42
CA LEU A 130 -11.74 1.18 11.40
C LEU A 130 -12.49 2.50 11.64
N LEU A 131 -11.86 3.38 12.42
CA LEU A 131 -12.42 4.69 12.75
C LEU A 131 -12.06 5.73 11.69
N TYR A 132 -10.77 5.86 11.42
CA TYR A 132 -10.27 6.82 10.43
C TYR A 132 -11.07 6.83 9.14
N VAL A 133 -11.42 5.64 8.68
CA VAL A 133 -12.18 5.44 7.45
C VAL A 133 -13.57 6.11 7.48
N LYS A 134 -14.19 6.13 8.65
CA LYS A 134 -15.51 6.73 8.83
C LYS A 134 -15.47 8.26 8.80
N VAL A 135 -14.40 8.84 9.34
CA VAL A 135 -14.27 10.30 9.43
C VAL A 135 -13.40 10.96 8.36
N GLY A 136 -12.56 10.16 7.71
CA GLY A 136 -11.68 10.66 6.67
C GLY A 136 -11.56 9.62 5.58
N TYR A 137 -10.52 9.70 4.78
CA TYR A 137 -10.33 8.73 3.70
C TYR A 137 -8.83 8.58 3.39
N LYS A 138 -8.41 7.37 3.06
CA LYS A 138 -7.01 7.11 2.76
C LYS A 138 -6.56 7.89 1.52
N ALA A 139 -5.53 8.70 1.69
CA ALA A 139 -4.98 9.45 0.57
C ALA A 139 -4.05 8.45 -0.12
N PRO A 140 -4.01 8.46 -1.47
CA PRO A 140 -3.16 7.54 -2.23
C PRO A 140 -1.69 7.96 -2.24
N LYS A 141 -1.25 8.61 -1.17
CA LYS A 141 0.13 9.07 -1.06
C LYS A 141 1.05 8.06 -0.39
N ILE A 142 2.34 8.22 -0.65
CA ILE A 142 3.40 7.38 -0.09
C ILE A 142 4.41 8.37 0.48
N LEU A 143 4.58 8.37 1.80
CA LEU A 143 5.52 9.29 2.43
C LEU A 143 6.95 8.79 2.44
N TYR A 144 7.84 9.67 2.01
CA TYR A 144 9.28 9.40 1.98
C TYR A 144 9.93 10.33 3.00
N LYS A 145 11.05 9.89 3.56
CA LYS A 145 11.75 10.68 4.56
C LYS A 145 13.24 10.67 4.27
N ARG A 146 13.94 11.75 4.66
CA ARG A 146 15.38 11.87 4.47
C ARG A 146 16.07 10.63 5.05
N LYS A 147 17.02 10.09 4.31
CA LYS A 147 17.75 8.89 4.69
C LYS A 147 18.10 8.76 6.18
N GLY A 148 18.81 9.76 6.71
CA GLY A 148 19.19 9.69 8.11
C GLY A 148 18.07 9.87 9.13
N TYR A 149 17.22 10.88 8.89
CA TYR A 149 16.12 11.21 9.80
C TYR A 149 14.82 10.48 9.46
N ASN B 1 26.74 21.24 -16.72
CA ASN B 1 26.35 20.92 -15.32
C ASN B 1 25.05 21.61 -14.92
N ILE B 2 24.62 21.37 -13.69
CA ILE B 2 23.40 21.93 -13.15
C ILE B 2 23.70 22.74 -11.89
N THR B 3 23.01 23.86 -11.75
CA THR B 3 23.17 24.72 -10.59
C THR B 3 21.82 24.83 -9.89
N VAL B 4 21.78 24.60 -8.58
CA VAL B 4 20.55 24.70 -7.82
C VAL B 4 20.68 25.86 -6.84
N ARG B 5 19.82 26.86 -7.01
CA ARG B 5 19.85 28.03 -6.16
C ARG B 5 18.47 28.51 -5.77
N PHE B 6 18.45 29.40 -4.79
CA PHE B 6 17.22 30.00 -4.35
C PHE B 6 16.68 30.91 -5.45
N VAL B 7 15.37 31.07 -5.48
CA VAL B 7 14.74 31.89 -6.49
C VAL B 7 14.86 33.39 -6.21
N THR B 8 15.16 34.15 -7.25
CA THR B 8 15.26 35.60 -7.14
C THR B 8 13.98 36.12 -7.79
N GLU B 9 13.71 37.40 -7.64
CA GLU B 9 12.51 38.01 -8.20
C GLU B 9 12.47 37.83 -9.72
N ASN B 10 13.65 37.74 -10.33
CA ASN B 10 13.81 37.58 -11.76
C ASN B 10 13.48 36.18 -12.29
N ASP B 11 13.34 35.21 -11.38
CA ASP B 11 13.01 33.84 -11.77
C ASP B 11 11.52 33.54 -11.60
N LYS B 12 10.69 34.58 -11.49
CA LYS B 12 9.26 34.35 -11.32
C LYS B 12 8.69 33.71 -12.57
N GLU B 13 9.14 34.20 -13.72
CA GLU B 13 8.69 33.70 -15.00
C GLU B 13 9.06 32.22 -15.17
N GLY B 14 10.32 31.91 -14.89
CA GLY B 14 10.79 30.54 -15.02
C GLY B 14 10.15 29.59 -14.05
N TRP B 15 10.00 30.04 -12.80
CA TRP B 15 9.40 29.23 -11.75
C TRP B 15 7.92 29.01 -12.07
N GLN B 16 7.25 30.08 -12.45
CA GLN B 16 5.82 30.01 -12.76
C GLN B 16 5.58 29.09 -13.95
N ARG B 17 6.51 29.11 -14.90
CA ARG B 17 6.45 28.27 -16.08
C ARG B 17 6.31 26.81 -15.64
N LEU B 18 7.28 26.34 -14.86
CA LEU B 18 7.28 24.97 -14.34
C LEU B 18 6.13 24.70 -13.39
N TRP B 19 5.76 25.72 -12.60
CA TRP B 19 4.65 25.62 -11.65
C TRP B 19 3.36 25.28 -12.39
N LYS B 20 3.18 25.88 -13.57
CA LYS B 20 1.99 25.60 -14.36
C LYS B 20 2.05 24.16 -14.89
N SER B 21 3.19 23.79 -15.49
CA SER B 21 3.40 22.44 -16.03
C SER B 21 3.19 21.39 -14.95
N TYR B 22 3.67 21.71 -13.75
CA TYR B 22 3.55 20.86 -12.59
C TYR B 22 2.08 20.55 -12.32
N GLN B 23 1.26 21.61 -12.35
CA GLN B 23 -0.16 21.50 -12.08
C GLN B 23 -0.93 20.54 -12.98
N ASP B 24 -0.72 20.61 -14.29
CA ASP B 24 -1.45 19.69 -15.14
C ASP B 24 -0.93 18.26 -15.04
N PHE B 25 0.28 18.08 -14.52
CA PHE B 25 0.80 16.73 -14.32
C PHE B 25 -0.04 16.14 -13.19
N TYR B 26 -0.20 16.93 -12.13
CA TYR B 26 -1.00 16.51 -10.98
C TYR B 26 -2.49 16.74 -11.21
N GLU B 27 -2.84 17.08 -12.44
CA GLU B 27 -4.23 17.30 -12.83
C GLU B 27 -5.02 18.22 -11.89
N VAL B 28 -4.42 19.39 -11.59
CA VAL B 28 -5.05 20.40 -10.74
C VAL B 28 -4.80 21.76 -11.35
N SER B 29 -5.58 22.75 -10.91
CA SER B 29 -5.45 24.11 -11.44
C SER B 29 -5.81 25.15 -10.38
N PHE B 30 -4.79 25.63 -9.67
CA PHE B 30 -4.95 26.63 -8.62
C PHE B 30 -5.26 28.01 -9.20
N PRO B 31 -5.84 28.91 -8.37
CA PRO B 31 -6.17 30.27 -8.79
C PRO B 31 -4.90 30.97 -9.25
N ASP B 32 -4.99 31.71 -10.34
CA ASP B 32 -3.85 32.41 -10.91
C ASP B 32 -3.18 33.36 -9.93
N ASP B 33 -3.93 33.86 -8.96
CA ASP B 33 -3.36 34.78 -7.98
C ASP B 33 -2.74 34.13 -6.76
N LEU B 34 -2.52 32.82 -6.82
CA LEU B 34 -1.88 32.08 -5.73
C LEU B 34 -0.38 32.04 -6.01
N ASP B 35 -0.01 31.94 -7.28
CA ASP B 35 1.39 31.90 -7.69
C ASP B 35 2.15 33.06 -7.04
N ASP B 36 1.52 34.23 -7.01
CA ASP B 36 2.09 35.43 -6.44
C ASP B 36 2.27 35.31 -4.93
N PHE B 37 1.23 34.83 -4.26
CA PHE B 37 1.24 34.65 -2.82
C PHE B 37 2.43 33.76 -2.44
N ASN B 38 2.55 32.63 -3.13
CA ASN B 38 3.65 31.70 -2.87
C ASN B 38 4.96 32.44 -3.02
N PHE B 39 5.19 32.96 -4.22
CA PHE B 39 6.40 33.69 -4.52
C PHE B 39 6.62 34.77 -3.48
N GLY B 40 5.54 35.43 -3.07
CA GLY B 40 5.64 36.47 -2.07
C GLY B 40 6.27 35.92 -0.80
N ARG B 41 5.77 34.78 -0.34
CA ARG B 41 6.27 34.10 0.85
C ARG B 41 7.70 33.63 0.63
N PHE B 42 7.97 33.15 -0.58
CA PHE B 42 9.29 32.66 -0.96
C PHE B 42 10.34 33.71 -0.64
N LEU B 43 10.11 34.90 -1.20
CA LEU B 43 11.01 36.02 -1.04
C LEU B 43 11.02 36.68 0.34
N ASP B 44 9.91 36.57 1.09
CA ASP B 44 9.85 37.15 2.43
C ASP B 44 10.78 36.33 3.31
N PRO B 45 11.85 36.95 3.82
CA PRO B 45 12.83 36.29 4.67
C PRO B 45 12.21 35.81 5.97
N ASN B 46 11.10 36.44 6.36
CA ASN B 46 10.44 36.09 7.60
C ASN B 46 9.37 35.02 7.46
N ILE B 47 9.05 34.66 6.21
CA ILE B 47 8.09 33.61 5.96
C ILE B 47 8.94 32.41 5.61
N LYS B 48 9.02 31.47 6.54
CA LYS B 48 9.80 30.26 6.40
C LYS B 48 9.33 29.29 5.32
N MET B 49 9.22 29.80 4.09
CA MET B 49 8.84 29.02 2.92
C MET B 49 9.82 29.43 1.83
N TRP B 50 10.44 28.45 1.18
CA TRP B 50 11.44 28.71 0.15
C TRP B 50 11.12 28.05 -1.18
N ALA B 51 11.86 28.46 -2.20
CA ALA B 51 11.72 27.94 -3.55
C ALA B 51 13.04 28.01 -4.29
N ALA B 52 13.59 26.85 -4.60
CA ALA B 52 14.84 26.79 -5.32
C ALA B 52 14.53 26.36 -6.73
N VAL B 53 15.39 26.79 -7.65
CA VAL B 53 15.27 26.46 -9.06
C VAL B 53 16.58 25.81 -9.50
N ALA B 54 16.52 24.96 -10.51
CA ALA B 54 17.71 24.30 -11.03
C ALA B 54 18.00 24.96 -12.36
N VAL B 55 19.07 25.73 -12.40
CA VAL B 55 19.44 26.44 -13.62
C VAL B 55 20.49 25.66 -14.41
N GLU B 56 20.21 25.47 -15.68
CA GLU B 56 21.13 24.78 -16.57
C GLU B 56 22.24 25.77 -16.88
N SER B 57 23.43 25.48 -16.33
CA SER B 57 24.61 26.31 -16.49
C SER B 57 24.79 26.90 -17.88
N SER B 58 24.93 26.02 -18.87
CA SER B 58 25.10 26.40 -20.29
C SER B 58 24.34 27.66 -20.66
N SER B 59 23.01 27.56 -20.64
CA SER B 59 22.14 28.68 -20.95
C SER B 59 21.83 29.47 -19.68
N GLU B 60 20.56 29.82 -19.51
CA GLU B 60 20.11 30.54 -18.34
C GLU B 60 18.78 29.90 -17.95
N LYS B 61 18.31 29.00 -18.81
CA LYS B 61 17.04 28.30 -18.63
C LYS B 61 16.89 27.56 -17.32
N ILE B 62 15.75 27.79 -16.67
CA ILE B 62 15.41 27.13 -15.42
C ILE B 62 14.72 25.83 -15.83
N ILE B 63 15.24 24.71 -15.34
CA ILE B 63 14.70 23.41 -15.69
C ILE B 63 14.12 22.67 -14.49
N GLY B 64 14.44 23.13 -13.29
CA GLY B 64 13.96 22.48 -12.08
C GLY B 64 13.27 23.42 -11.10
N MET B 65 12.45 22.85 -10.23
CA MET B 65 11.70 23.60 -9.22
C MET B 65 11.42 22.73 -8.01
N ILE B 66 11.80 23.22 -6.84
CA ILE B 66 11.55 22.51 -5.60
C ILE B 66 11.02 23.51 -4.58
N ASN B 67 9.85 23.24 -4.04
CA ASN B 67 9.21 24.10 -3.05
C ASN B 67 9.15 23.39 -1.71
N PHE B 68 9.64 24.08 -0.67
CA PHE B 68 9.64 23.52 0.67
C PHE B 68 9.35 24.58 1.73
N PHE B 69 8.98 24.13 2.92
CA PHE B 69 8.68 25.04 4.02
C PHE B 69 8.93 24.41 5.39
N ASN B 70 8.90 25.24 6.43
CA ASN B 70 9.16 24.80 7.79
C ASN B 70 7.89 24.62 8.61
N HIS B 71 7.85 23.61 9.48
CA HIS B 71 6.70 23.40 10.36
C HIS B 71 7.03 22.60 11.63
N MET B 72 6.26 22.86 12.69
CA MET B 72 6.44 22.23 14.00
C MET B 72 6.24 20.71 14.06
N THR B 73 6.60 20.13 15.21
CA THR B 73 6.46 18.70 15.45
C THR B 73 6.10 18.56 16.91
N THR B 74 5.55 17.40 17.26
CA THR B 74 5.17 17.13 18.63
C THR B 74 6.06 15.98 19.08
N TRP B 75 7.07 15.70 18.28
CA TRP B 75 8.03 14.63 18.51
C TRP B 75 9.45 15.16 18.63
N ASP B 76 9.59 16.49 18.75
CA ASP B 76 10.92 17.09 18.84
C ASP B 76 10.86 18.56 19.23
N PHE B 77 12.03 19.19 19.25
CA PHE B 77 12.17 20.61 19.59
C PHE B 77 12.37 21.36 18.30
N LYS B 78 13.27 20.84 17.46
CA LYS B 78 13.59 21.43 16.17
C LYS B 78 12.48 21.11 15.17
N ASP B 79 12.04 22.11 14.42
CA ASP B 79 10.99 21.94 13.42
C ASP B 79 11.46 21.04 12.30
N LYS B 80 10.54 20.64 11.42
CA LYS B 80 10.91 19.82 10.29
C LYS B 80 10.52 20.51 8.97
N ILE B 81 11.21 20.15 7.91
CA ILE B 81 10.95 20.73 6.60
C ILE B 81 10.23 19.80 5.64
N TYR B 82 9.13 20.29 5.09
CA TYR B 82 8.32 19.52 4.14
C TYR B 82 8.58 20.02 2.73
N ILE B 83 8.87 19.09 1.82
CA ILE B 83 9.10 19.42 0.41
C ILE B 83 7.71 19.25 -0.20
N ASN B 84 7.08 20.37 -0.55
CA ASN B 84 5.73 20.37 -1.09
C ASN B 84 5.64 20.11 -2.61
N ASP B 85 6.57 20.65 -3.38
CA ASP B 85 6.52 20.45 -4.83
C ASP B 85 7.89 20.17 -5.43
N LEU B 86 7.97 19.17 -6.30
CA LEU B 86 9.23 18.83 -6.96
C LEU B 86 8.91 18.65 -8.43
N TYR B 87 9.53 19.47 -9.27
CA TYR B 87 9.27 19.35 -10.69
C TYR B 87 10.49 19.66 -11.54
N VAL B 88 10.73 18.79 -12.52
CA VAL B 88 11.86 18.93 -13.44
C VAL B 88 11.31 18.86 -14.85
N ASP B 89 11.71 19.81 -15.69
CA ASP B 89 11.26 19.89 -17.08
C ASP B 89 11.32 18.53 -17.77
N GLU B 90 10.21 18.16 -18.39
CA GLU B 90 10.04 16.90 -19.11
C GLU B 90 11.22 16.63 -20.04
N ASN B 91 11.46 17.58 -20.95
CA ASN B 91 12.56 17.47 -21.92
C ASN B 91 13.93 17.48 -21.28
N SER B 92 14.08 18.28 -20.22
CA SER B 92 15.35 18.37 -19.53
C SER B 92 15.38 17.57 -18.23
N ARG B 93 14.60 16.48 -18.17
CA ARG B 93 14.57 15.63 -16.98
C ARG B 93 15.77 14.67 -17.03
N VAL B 94 16.22 14.39 -18.25
CA VAL B 94 17.35 13.49 -18.56
C VAL B 94 18.59 13.52 -17.64
N LYS B 95 19.17 14.71 -17.42
CA LYS B 95 20.35 14.87 -16.58
C LYS B 95 20.20 14.35 -15.14
N GLY B 96 20.08 15.25 -14.16
CA GLY B 96 19.92 14.82 -12.78
C GLY B 96 19.48 15.91 -11.83
N ALA B 97 18.68 16.84 -12.37
CA ALA B 97 18.18 17.98 -11.61
C ALA B 97 17.43 17.65 -10.33
N GLY B 98 16.40 16.82 -10.43
CA GLY B 98 15.61 16.46 -9.26
C GLY B 98 16.44 15.91 -8.14
N GLY B 99 17.53 15.22 -8.50
CA GLY B 99 18.39 14.63 -7.49
C GLY B 99 19.12 15.66 -6.68
N LYS B 100 19.58 16.73 -7.33
CA LYS B 100 20.32 17.78 -6.64
C LYS B 100 19.46 18.88 -6.05
N LEU B 101 18.17 18.86 -6.36
CA LEU B 101 17.25 19.83 -5.81
C LEU B 101 16.92 19.35 -4.42
N ILE B 102 16.79 18.02 -4.27
CA ILE B 102 16.49 17.42 -2.99
C ILE B 102 17.72 17.57 -2.09
N GLN B 103 18.90 17.45 -2.71
CA GLN B 103 20.14 17.60 -1.97
C GLN B 103 20.25 19.03 -1.47
N PHE B 104 19.88 19.99 -2.32
CA PHE B 104 19.93 21.40 -1.95
C PHE B 104 19.08 21.63 -0.70
N VAL B 105 17.89 21.04 -0.70
CA VAL B 105 16.98 21.18 0.42
C VAL B 105 17.56 20.48 1.64
N TYR B 106 18.31 19.39 1.41
CA TYR B 106 18.94 18.64 2.49
C TYR B 106 19.97 19.50 3.20
N ASP B 107 20.80 20.18 2.40
CA ASP B 107 21.84 21.04 2.92
C ASP B 107 21.29 22.29 3.60
N GLU B 108 20.33 22.94 2.96
CA GLU B 108 19.74 24.14 3.53
C GLU B 108 19.04 23.82 4.85
N ALA B 109 18.52 22.60 4.96
CA ALA B 109 17.84 22.18 6.19
C ALA B 109 18.88 22.11 7.29
N ASP B 110 20.08 21.61 6.93
CA ASP B 110 21.20 21.48 7.86
C ASP B 110 21.64 22.86 8.33
N LYS B 111 21.88 23.74 7.37
CA LYS B 111 22.32 25.11 7.64
C LYS B 111 21.27 25.90 8.44
N LEU B 112 20.11 25.26 8.66
CA LEU B 112 19.01 25.86 9.42
C LEU B 112 18.80 25.18 10.78
N GLY B 113 19.40 24.02 10.98
CA GLY B 113 19.24 23.34 12.25
C GLY B 113 18.01 22.45 12.36
N THR B 114 17.26 22.37 11.25
CA THR B 114 16.07 21.53 11.17
C THR B 114 16.31 20.60 9.97
N PRO B 115 17.19 19.60 10.16
CA PRO B 115 17.59 18.59 9.16
C PRO B 115 16.54 17.55 8.79
N SER B 116 15.46 17.48 9.54
CA SER B 116 14.41 16.52 9.29
C SER B 116 13.59 16.92 8.06
N VAL B 117 13.98 16.37 6.91
CA VAL B 117 13.32 16.63 5.63
C VAL B 117 12.45 15.44 5.22
N TYR B 118 11.34 15.73 4.57
CA TYR B 118 10.43 14.68 4.13
C TYR B 118 9.42 15.21 3.09
N TRP B 119 8.96 14.30 2.25
CA TRP B 119 7.97 14.61 1.21
C TRP B 119 7.07 13.39 1.02
N CYS B 120 6.20 13.44 0.01
CA CYS B 120 5.33 12.32 -0.28
C CYS B 120 5.02 12.32 -1.76
N THR B 121 4.58 11.19 -2.29
CA THR B 121 4.26 11.10 -3.71
C THR B 121 3.11 10.11 -3.87
N ASP B 122 2.60 9.99 -5.09
CA ASP B 122 1.51 9.04 -5.35
C ASP B 122 2.06 7.62 -5.37
N GLU B 123 1.23 6.65 -5.03
CA GLU B 123 1.65 5.24 -5.02
C GLU B 123 2.11 4.82 -6.42
N SER B 124 1.40 5.31 -7.43
CA SER B 124 1.67 5.01 -8.84
C SER B 124 2.86 5.68 -9.48
N ASN B 125 3.41 6.73 -8.87
CA ASN B 125 4.55 7.43 -9.45
C ASN B 125 5.84 6.64 -9.21
N HIS B 126 6.06 5.62 -10.04
CA HIS B 126 7.22 4.74 -9.94
C HIS B 126 8.51 5.38 -10.46
N ARG B 127 8.40 6.22 -11.48
CA ARG B 127 9.56 6.89 -12.07
C ARG B 127 10.24 7.77 -11.02
N ALA B 128 9.44 8.55 -10.29
CA ALA B 128 9.94 9.42 -9.23
C ALA B 128 10.51 8.60 -8.09
N GLN B 129 9.80 7.55 -7.71
CA GLN B 129 10.22 6.68 -6.61
C GLN B 129 11.50 5.93 -6.91
N LEU B 130 11.95 5.97 -8.16
CA LEU B 130 13.20 5.31 -8.53
C LEU B 130 14.30 6.15 -7.91
N LEU B 131 14.02 7.45 -7.78
CA LEU B 131 14.95 8.40 -7.21
C LEU B 131 14.77 8.52 -5.71
N TYR B 132 13.53 8.76 -5.28
CA TYR B 132 13.23 8.93 -3.87
C TYR B 132 13.74 7.80 -3.01
N VAL B 133 13.77 6.60 -3.57
CA VAL B 133 14.23 5.41 -2.86
C VAL B 133 15.75 5.43 -2.62
N LYS B 134 16.45 6.25 -3.41
CA LYS B 134 17.91 6.40 -3.28
C LYS B 134 18.18 7.45 -2.19
N VAL B 135 17.81 8.69 -2.49
CA VAL B 135 18.00 9.84 -1.61
C VAL B 135 17.18 9.86 -0.33
N GLY B 136 16.28 8.89 -0.16
CA GLY B 136 15.48 8.84 1.04
C GLY B 136 15.09 7.42 1.36
N TYR B 137 13.95 7.24 2.02
CA TYR B 137 13.44 5.92 2.35
C TYR B 137 11.93 6.01 2.57
N LYS B 138 11.19 5.01 2.13
CA LYS B 138 9.75 4.98 2.27
C LYS B 138 9.41 4.73 3.73
N ALA B 139 8.49 5.52 4.26
CA ALA B 139 8.08 5.33 5.64
C ALA B 139 6.87 4.42 5.64
N PRO B 140 6.76 3.56 6.67
CA PRO B 140 5.64 2.61 6.83
C PRO B 140 4.39 3.33 7.27
N LYS B 141 4.05 4.39 6.55
CA LYS B 141 2.90 5.22 6.89
C LYS B 141 1.82 5.38 5.82
N ILE B 142 0.59 5.52 6.31
CA ILE B 142 -0.58 5.74 5.47
C ILE B 142 -1.14 7.09 5.87
N LEU B 143 -1.33 7.96 4.88
CA LEU B 143 -1.85 9.30 5.11
C LEU B 143 -3.38 9.32 5.00
N TYR B 144 -4.06 9.97 5.93
CA TYR B 144 -5.52 10.06 5.92
C TYR B 144 -5.96 11.52 5.90
N LYS B 145 -6.89 11.85 5.02
CA LYS B 145 -7.38 13.21 4.92
C LYS B 145 -8.86 13.27 5.32
N ARG B 146 -9.31 14.46 5.70
CA ARG B 146 -10.69 14.67 6.09
C ARG B 146 -11.53 14.61 4.82
N LYS B 147 -12.77 14.16 4.94
CA LYS B 147 -13.65 14.08 3.77
C LYS B 147 -14.00 15.46 3.23
N GLY B 148 -13.95 15.60 1.90
CA GLY B 148 -14.24 16.87 1.26
C GLY B 148 -12.99 17.67 1.06
N TYR B 149 -11.91 17.22 1.66
CA TYR B 149 -10.62 17.89 1.59
C TYR B 149 -9.55 16.91 1.14
N ASN C 1 -19.87 -23.09 20.90
CA ASN C 1 -18.82 -24.12 20.67
C ASN C 1 -18.26 -24.02 19.24
N ILE C 2 -19.12 -24.23 18.24
CA ILE C 2 -18.74 -24.18 16.82
C ILE C 2 -17.89 -25.36 16.38
N THR C 3 -18.26 -25.96 15.25
CA THR C 3 -17.54 -27.09 14.69
C THR C 3 -17.30 -26.82 13.21
N VAL C 4 -16.10 -27.18 12.76
CA VAL C 4 -15.72 -27.00 11.36
C VAL C 4 -15.60 -28.37 10.71
N ARG C 5 -16.20 -28.51 9.52
CA ARG C 5 -16.18 -29.78 8.80
C ARG C 5 -16.48 -29.56 7.33
N PHE C 6 -16.02 -30.48 6.51
CA PHE C 6 -16.26 -30.41 5.07
C PHE C 6 -17.77 -30.52 4.79
N VAL C 7 -18.22 -29.84 3.74
CA VAL C 7 -19.62 -29.86 3.36
C VAL C 7 -20.07 -31.20 2.79
N THR C 8 -21.37 -31.47 2.91
CA THR C 8 -22.00 -32.67 2.36
C THR C 8 -23.17 -32.14 1.56
N GLU C 9 -23.79 -33.01 0.76
CA GLU C 9 -24.93 -32.62 -0.09
C GLU C 9 -25.98 -31.78 0.61
N ASN C 10 -26.15 -32.01 1.91
CA ASN C 10 -27.15 -31.31 2.70
C ASN C 10 -26.78 -29.90 3.12
N ASP C 11 -25.48 -29.60 3.16
CA ASP C 11 -25.01 -28.28 3.55
C ASP C 11 -25.17 -27.24 2.42
N LYS C 12 -25.54 -27.71 1.23
CA LYS C 12 -25.72 -26.84 0.07
C LYS C 12 -26.69 -25.68 0.28
N GLU C 13 -27.87 -25.98 0.84
CA GLU C 13 -28.86 -24.95 1.09
C GLU C 13 -28.31 -23.89 2.04
N GLY C 14 -27.59 -24.35 3.07
CA GLY C 14 -27.01 -23.45 4.04
C GLY C 14 -25.81 -22.70 3.49
N TRP C 15 -24.92 -23.44 2.82
CA TRP C 15 -23.72 -22.86 2.20
C TRP C 15 -24.10 -21.76 1.21
N GLN C 16 -25.10 -22.03 0.37
CA GLN C 16 -25.55 -21.04 -0.61
C GLN C 16 -26.03 -19.75 0.04
N ARG C 17 -26.58 -19.87 1.24
CA ARG C 17 -27.06 -18.71 1.96
C ARG C 17 -25.91 -17.76 2.28
N LEU C 18 -24.77 -18.33 2.68
CA LEU C 18 -23.58 -17.57 3.00
C LEU C 18 -22.99 -17.01 1.72
N TRP C 19 -22.85 -17.90 0.74
CA TRP C 19 -22.33 -17.54 -0.57
C TRP C 19 -23.05 -16.29 -1.12
N LYS C 20 -24.38 -16.26 -1.03
CA LYS C 20 -25.17 -15.14 -1.53
C LYS C 20 -24.85 -13.83 -0.82
N SER C 21 -24.81 -13.87 0.51
CA SER C 21 -24.50 -12.66 1.28
C SER C 21 -23.01 -12.32 1.18
N TYR C 22 -22.19 -13.32 0.82
CA TYR C 22 -20.76 -13.11 0.63
C TYR C 22 -20.65 -12.21 -0.61
N GLN C 23 -21.42 -12.57 -1.63
CA GLN C 23 -21.45 -11.82 -2.87
C GLN C 23 -21.95 -10.42 -2.57
N ASP C 24 -22.87 -10.31 -1.61
CA ASP C 24 -23.42 -9.02 -1.21
C ASP C 24 -22.32 -8.12 -0.66
N PHE C 25 -21.52 -8.69 0.24
CA PHE C 25 -20.42 -7.96 0.87
C PHE C 25 -19.42 -7.47 -0.17
N TYR C 26 -19.08 -8.36 -1.10
CA TYR C 26 -18.13 -8.01 -2.15
C TYR C 26 -18.75 -7.25 -3.32
N GLU C 27 -19.99 -6.82 -3.16
CA GLU C 27 -20.70 -6.08 -4.21
C GLU C 27 -20.61 -6.70 -5.61
N VAL C 28 -20.79 -8.02 -5.67
CA VAL C 28 -20.73 -8.76 -6.93
C VAL C 28 -21.98 -9.63 -7.08
N SER C 29 -22.19 -10.15 -8.29
CA SER C 29 -23.34 -11.01 -8.55
C SER C 29 -22.99 -12.09 -9.58
N PHE C 30 -22.68 -13.27 -9.06
CA PHE C 30 -22.32 -14.43 -9.87
C PHE C 30 -23.58 -15.08 -10.41
N PRO C 31 -23.50 -15.72 -11.59
CA PRO C 31 -24.67 -16.39 -12.17
C PRO C 31 -25.03 -17.57 -11.25
N ASP C 32 -26.28 -17.59 -10.79
CA ASP C 32 -26.78 -18.62 -9.88
C ASP C 32 -26.37 -20.06 -10.19
N ASP C 33 -26.19 -20.38 -11.47
CA ASP C 33 -25.80 -21.74 -11.82
C ASP C 33 -24.30 -21.98 -11.63
N LEU C 34 -23.62 -21.02 -11.01
CA LEU C 34 -22.18 -21.11 -10.73
C LEU C 34 -22.02 -21.86 -9.41
N ASP C 35 -22.96 -21.61 -8.50
CA ASP C 35 -22.99 -22.24 -7.18
C ASP C 35 -22.97 -23.75 -7.35
N ASP C 36 -23.84 -24.21 -8.22
CA ASP C 36 -23.99 -25.63 -8.52
C ASP C 36 -22.67 -26.25 -8.97
N PHE C 37 -21.94 -25.53 -9.81
CA PHE C 37 -20.64 -26.01 -10.29
C PHE C 37 -19.67 -26.07 -9.12
N ASN C 38 -19.61 -25.00 -8.35
CA ASN C 38 -18.74 -24.93 -7.19
C ASN C 38 -18.95 -26.16 -6.29
N PHE C 39 -20.16 -26.28 -5.77
CA PHE C 39 -20.51 -27.39 -4.89
C PHE C 39 -20.22 -28.71 -5.55
N GLY C 40 -20.34 -28.75 -6.87
CA GLY C 40 -20.06 -29.97 -7.60
C GLY C 40 -18.60 -30.34 -7.43
N ARG C 41 -17.74 -29.33 -7.54
CA ARG C 41 -16.29 -29.50 -7.40
C ARG C 41 -15.88 -29.79 -5.97
N PHE C 42 -16.59 -29.17 -5.02
CA PHE C 42 -16.30 -29.40 -3.62
C PHE C 42 -16.47 -30.87 -3.34
N LEU C 43 -17.65 -31.39 -3.71
CA LEU C 43 -18.01 -32.80 -3.50
C LEU C 43 -17.25 -33.86 -4.31
N ASP C 44 -16.76 -33.50 -5.50
CA ASP C 44 -16.01 -34.47 -6.30
C ASP C 44 -14.66 -34.73 -5.63
N PRO C 45 -14.41 -35.99 -5.20
CA PRO C 45 -13.16 -36.39 -4.55
C PRO C 45 -11.93 -36.15 -5.43
N ASN C 46 -12.12 -36.25 -6.75
CA ASN C 46 -11.04 -36.06 -7.70
C ASN C 46 -10.69 -34.60 -7.99
N ILE C 47 -11.68 -33.71 -8.01
CA ILE C 47 -11.41 -32.30 -8.27
C ILE C 47 -10.98 -31.65 -6.95
N LYS C 48 -9.70 -31.26 -6.92
CA LYS C 48 -9.09 -30.65 -5.75
C LYS C 48 -9.52 -29.23 -5.38
N MET C 49 -10.80 -29.08 -5.08
CA MET C 49 -11.40 -27.83 -4.66
C MET C 49 -12.32 -28.25 -3.54
N TRP C 50 -12.09 -27.72 -2.35
CA TRP C 50 -12.91 -28.08 -1.20
C TRP C 50 -13.67 -26.91 -0.63
N ALA C 51 -14.54 -27.21 0.32
CA ALA C 51 -15.32 -26.20 1.01
C ALA C 51 -15.69 -26.77 2.36
N ALA C 52 -15.33 -26.02 3.40
CA ALA C 52 -15.65 -26.43 4.76
C ALA C 52 -16.70 -25.46 5.27
N VAL C 53 -17.43 -25.88 6.28
CA VAL C 53 -18.49 -25.08 6.85
C VAL C 53 -18.35 -25.04 8.37
N ALA C 54 -18.69 -23.90 8.96
CA ALA C 54 -18.63 -23.73 10.41
C ALA C 54 -20.04 -23.81 10.96
N VAL C 55 -20.37 -24.92 11.59
CA VAL C 55 -21.70 -25.10 12.16
C VAL C 55 -21.68 -24.82 13.65
N GLU C 56 -22.77 -24.25 14.15
CA GLU C 56 -22.90 -23.96 15.58
C GLU C 56 -23.04 -25.31 16.26
N SER C 57 -21.91 -25.90 16.64
CA SER C 57 -21.90 -27.19 17.31
C SER C 57 -22.89 -27.15 18.47
N SER C 58 -23.78 -28.14 18.50
CA SER C 58 -24.80 -28.23 19.54
C SER C 58 -25.86 -27.14 19.35
N SER C 59 -26.14 -26.81 18.09
CA SER C 59 -27.13 -25.79 17.73
C SER C 59 -27.54 -25.90 16.27
N GLU C 60 -26.96 -26.89 15.59
CA GLU C 60 -27.23 -27.20 14.18
C GLU C 60 -26.67 -26.30 13.08
N LYS C 61 -27.40 -25.22 12.79
CA LYS C 61 -27.07 -24.28 11.72
C LYS C 61 -25.64 -23.92 11.34
N ILE C 62 -25.50 -23.35 10.15
CA ILE C 62 -24.23 -22.94 9.56
C ILE C 62 -24.00 -21.45 9.76
N ILE C 63 -22.75 -21.08 9.99
CA ILE C 63 -22.41 -19.68 10.22
C ILE C 63 -21.13 -19.23 9.51
N GLY C 64 -20.34 -20.18 9.05
CA GLY C 64 -19.10 -19.84 8.37
C GLY C 64 -18.88 -20.65 7.12
N MET C 65 -18.12 -20.09 6.19
CA MET C 65 -17.83 -20.73 4.91
C MET C 65 -16.42 -20.41 4.46
N ILE C 66 -15.70 -21.44 4.01
CA ILE C 66 -14.37 -21.22 3.50
C ILE C 66 -14.16 -22.16 2.31
N ASN C 67 -13.92 -21.56 1.15
CA ASN C 67 -13.71 -22.32 -0.08
C ASN C 67 -12.25 -22.17 -0.42
N PHE C 68 -11.61 -23.29 -0.70
CA PHE C 68 -10.19 -23.30 -1.04
C PHE C 68 -9.91 -24.36 -2.10
N PHE C 69 -8.72 -24.28 -2.70
CA PHE C 69 -8.36 -25.25 -3.71
C PHE C 69 -6.86 -25.35 -3.87
N ASN C 70 -6.43 -26.47 -4.46
CA ASN C 70 -5.03 -26.77 -4.68
C ASN C 70 -4.59 -26.39 -6.09
N HIS C 71 -3.38 -25.84 -6.21
CA HIS C 71 -2.82 -25.47 -7.52
C HIS C 71 -1.29 -25.50 -7.50
N MET C 72 -0.68 -25.78 -8.65
CA MET C 72 0.76 -25.85 -8.74
C MET C 72 1.50 -24.49 -8.75
N THR C 73 2.80 -24.56 -8.47
CA THR C 73 3.69 -23.41 -8.44
C THR C 73 5.01 -23.81 -9.04
N THR C 74 5.71 -22.85 -9.64
CA THR C 74 7.01 -23.11 -10.25
C THR C 74 8.13 -23.06 -9.22
N TRP C 75 7.83 -22.52 -8.04
CA TRP C 75 8.83 -22.40 -6.97
C TRP C 75 9.02 -23.60 -6.04
N ASP C 76 8.30 -24.68 -6.27
CA ASP C 76 8.41 -25.87 -5.41
C ASP C 76 7.73 -27.11 -5.98
N PHE C 77 8.29 -28.28 -5.65
CA PHE C 77 7.77 -29.57 -6.08
C PHE C 77 6.35 -29.77 -5.63
N LYS C 78 6.12 -29.58 -4.32
CA LYS C 78 4.79 -29.71 -3.73
C LYS C 78 3.92 -28.57 -4.25
N ASP C 79 2.61 -28.77 -4.25
CA ASP C 79 1.67 -27.75 -4.70
C ASP C 79 1.34 -26.84 -3.53
N LYS C 80 0.32 -26.00 -3.70
CA LYS C 80 -0.10 -25.10 -2.64
C LYS C 80 -1.59 -24.89 -2.66
N ILE C 81 -2.11 -24.36 -1.55
CA ILE C 81 -3.54 -24.11 -1.40
C ILE C 81 -3.87 -22.64 -1.32
N TYR C 82 -4.96 -22.26 -1.97
CA TYR C 82 -5.42 -20.89 -1.98
C TYR C 82 -6.82 -20.84 -1.41
N ILE C 83 -7.00 -20.09 -0.31
CA ILE C 83 -8.31 -19.93 0.29
C ILE C 83 -8.97 -18.85 -0.56
N ASN C 84 -9.93 -19.24 -1.38
CA ASN C 84 -10.56 -18.27 -2.26
C ASN C 84 -11.68 -17.48 -1.60
N ASP C 85 -12.35 -18.07 -0.63
CA ASP C 85 -13.44 -17.36 0.05
C ASP C 85 -13.50 -17.67 1.53
N LEU C 86 -13.92 -16.68 2.31
CA LEU C 86 -14.08 -16.83 3.75
C LEU C 86 -15.24 -15.94 4.16
N TYR C 87 -16.22 -16.49 4.87
CA TYR C 87 -17.36 -15.68 5.27
C TYR C 87 -18.15 -16.22 6.44
N VAL C 88 -18.25 -15.41 7.49
CA VAL C 88 -19.01 -15.77 8.70
C VAL C 88 -20.17 -14.78 8.76
N ASP C 89 -21.21 -15.08 9.52
CA ASP C 89 -22.38 -14.20 9.64
C ASP C 89 -22.08 -12.96 10.52
N GLU C 90 -22.48 -11.78 10.03
CA GLU C 90 -22.24 -10.52 10.75
C GLU C 90 -22.89 -10.50 12.13
N ASN C 91 -22.24 -11.15 13.09
CA ASN C 91 -22.66 -11.26 14.48
C ASN C 91 -21.76 -12.31 15.16
N SER C 92 -21.86 -13.54 14.67
CA SER C 92 -21.06 -14.66 15.18
C SER C 92 -19.72 -14.69 14.43
N ARG C 93 -19.50 -13.66 13.61
CA ARG C 93 -18.29 -13.49 12.80
C ARG C 93 -17.01 -13.43 13.64
N VAL C 94 -17.06 -12.62 14.69
CA VAL C 94 -15.94 -12.42 15.60
C VAL C 94 -15.82 -13.45 16.75
N LYS C 95 -16.81 -14.34 16.85
CA LYS C 95 -16.82 -15.37 17.90
C LYS C 95 -16.06 -16.65 17.60
N GLY C 96 -14.89 -16.52 16.96
CA GLY C 96 -14.06 -17.67 16.67
C GLY C 96 -14.09 -18.30 15.29
N ALA C 97 -15.26 -18.29 14.65
CA ALA C 97 -15.47 -18.89 13.33
C ALA C 97 -14.35 -18.72 12.28
N GLY C 98 -14.10 -17.48 11.86
CA GLY C 98 -13.07 -17.24 10.85
C GLY C 98 -11.68 -17.78 11.16
N GLY C 99 -11.30 -17.76 12.43
CA GLY C 99 -9.98 -18.25 12.82
C GLY C 99 -9.99 -19.75 12.90
N LYS C 100 -11.12 -20.30 13.35
CA LYS C 100 -11.34 -21.74 13.50
C LYS C 100 -11.30 -22.39 12.10
N LEU C 101 -11.91 -21.69 11.14
CA LEU C 101 -11.97 -22.13 9.74
C LEU C 101 -10.60 -22.12 9.07
N ILE C 102 -9.89 -21.00 9.20
CA ILE C 102 -8.56 -20.86 8.62
C ILE C 102 -7.58 -21.89 9.17
N GLN C 103 -7.84 -22.39 10.37
CA GLN C 103 -6.98 -23.40 10.96
C GLN C 103 -7.30 -24.76 10.35
N PHE C 104 -8.59 -24.96 10.03
CA PHE C 104 -9.06 -26.19 9.41
C PHE C 104 -8.30 -26.39 8.11
N VAL C 105 -8.19 -25.31 7.34
CA VAL C 105 -7.49 -25.35 6.07
C VAL C 105 -6.00 -25.66 6.30
N TYR C 106 -5.46 -25.15 7.41
CA TYR C 106 -4.06 -25.40 7.74
C TYR C 106 -3.87 -26.87 8.09
N ASP C 107 -4.70 -27.37 9.01
CA ASP C 107 -4.61 -28.76 9.44
C ASP C 107 -4.86 -29.76 8.32
N GLU C 108 -5.74 -29.39 7.40
CA GLU C 108 -6.03 -30.23 6.26
C GLU C 108 -4.92 -30.11 5.25
N ALA C 109 -4.42 -28.89 5.06
CA ALA C 109 -3.34 -28.63 4.12
C ALA C 109 -2.14 -29.50 4.48
N ASP C 110 -1.93 -29.70 5.78
CA ASP C 110 -0.83 -30.51 6.27
C ASP C 110 -1.05 -31.97 5.85
N LYS C 111 -2.22 -32.51 6.17
CA LYS C 111 -2.58 -33.89 5.83
C LYS C 111 -2.36 -34.15 4.34
N LEU C 112 -2.75 -33.16 3.53
CA LEU C 112 -2.62 -33.23 2.08
C LEU C 112 -1.18 -33.22 1.61
N GLY C 113 -0.26 -32.93 2.53
CA GLY C 113 1.15 -32.88 2.20
C GLY C 113 1.45 -31.65 1.36
N THR C 114 0.52 -30.70 1.39
CA THR C 114 0.62 -29.46 0.64
C THR C 114 0.20 -28.33 1.62
N PRO C 115 1.12 -27.94 2.53
CA PRO C 115 1.01 -26.94 3.60
C PRO C 115 1.02 -25.45 3.29
N SER C 116 1.73 -25.04 2.24
CA SER C 116 1.79 -23.62 1.91
C SER C 116 0.43 -23.04 1.54
N VAL C 117 -0.29 -22.55 2.55
CA VAL C 117 -1.60 -21.94 2.37
C VAL C 117 -1.45 -20.42 2.19
N TYR C 118 -2.41 -19.80 1.51
CA TYR C 118 -2.39 -18.35 1.31
C TYR C 118 -3.74 -17.79 0.85
N TRP C 119 -3.88 -16.47 0.95
CA TRP C 119 -5.11 -15.79 0.56
C TRP C 119 -4.84 -14.30 0.40
N CYS C 120 -5.90 -13.51 0.44
CA CYS C 120 -5.82 -12.04 0.34
C CYS C 120 -7.19 -11.38 0.48
N THR C 121 -7.21 -10.06 0.62
CA THR C 121 -8.44 -9.30 0.75
C THR C 121 -8.20 -7.87 0.28
N ASP C 122 -9.23 -7.03 0.36
CA ASP C 122 -9.11 -5.64 -0.04
C ASP C 122 -8.27 -4.91 1.01
N GLU C 123 -7.39 -4.03 0.55
CA GLU C 123 -6.51 -3.25 1.42
C GLU C 123 -7.29 -2.54 2.52
N SER C 124 -8.53 -2.17 2.20
CA SER C 124 -9.41 -1.47 3.12
C SER C 124 -10.21 -2.37 4.05
N ASN C 125 -10.07 -3.69 3.91
CA ASN C 125 -10.79 -4.61 4.78
C ASN C 125 -9.99 -4.80 6.07
N HIS C 126 -10.10 -3.82 6.95
CA HIS C 126 -9.37 -3.85 8.21
C HIS C 126 -9.89 -4.88 9.21
N ARG C 127 -11.21 -4.90 9.40
CA ARG C 127 -11.86 -5.83 10.31
C ARG C 127 -11.32 -7.25 10.15
N ALA C 128 -11.22 -7.71 8.90
CA ALA C 128 -10.73 -9.05 8.60
C ALA C 128 -9.25 -9.20 8.88
N GLN C 129 -8.50 -8.13 8.63
CA GLN C 129 -7.06 -8.14 8.85
C GLN C 129 -6.65 -8.15 10.32
N LEU C 130 -7.59 -7.83 11.21
CA LEU C 130 -7.32 -7.87 12.64
C LEU C 130 -7.06 -9.32 13.00
N LEU C 131 -7.71 -10.22 12.26
CA LEU C 131 -7.57 -11.66 12.46
C LEU C 131 -6.43 -12.20 11.60
N TYR C 132 -6.37 -11.71 10.35
CA TYR C 132 -5.37 -12.17 9.39
C TYR C 132 -3.94 -12.06 9.85
N VAL C 133 -3.61 -10.95 10.49
CA VAL C 133 -2.27 -10.71 11.00
C VAL C 133 -1.88 -11.75 12.07
N LYS C 134 -2.87 -12.23 12.82
CA LYS C 134 -2.64 -13.24 13.88
C LYS C 134 -2.31 -14.59 13.26
N VAL C 135 -3.29 -15.17 12.56
CA VAL C 135 -3.18 -16.49 11.90
C VAL C 135 -2.21 -16.58 10.72
N GLY C 136 -1.88 -15.45 10.11
CA GLY C 136 -0.96 -15.44 8.98
C GLY C 136 -0.19 -14.15 8.93
N TYR C 137 0.55 -13.92 7.85
CA TYR C 137 1.31 -12.68 7.73
C TYR C 137 1.13 -12.02 6.34
N LYS C 138 1.22 -10.70 6.33
CA LYS C 138 1.08 -9.92 5.10
C LYS C 138 2.35 -10.03 4.26
N ALA C 139 2.18 -10.33 2.97
CA ALA C 139 3.34 -10.42 2.09
C ALA C 139 3.50 -9.03 1.47
N PRO C 140 4.77 -8.58 1.29
CA PRO C 140 5.11 -7.28 0.70
C PRO C 140 4.88 -7.30 -0.80
N LYS C 141 3.74 -7.85 -1.21
CA LYS C 141 3.41 -7.99 -2.62
C LYS C 141 2.24 -7.16 -3.10
N ILE C 142 2.42 -6.54 -4.26
CA ILE C 142 1.38 -5.76 -4.92
C ILE C 142 0.84 -6.72 -5.99
N LEU C 143 -0.47 -6.81 -6.10
CA LEU C 143 -1.08 -7.72 -7.07
C LEU C 143 -1.53 -7.02 -8.36
N TYR C 144 -1.13 -7.56 -9.50
CA TYR C 144 -1.51 -6.99 -10.80
C TYR C 144 -2.40 -7.90 -11.64
N LYS C 145 -3.38 -7.30 -12.31
CA LYS C 145 -4.30 -8.04 -13.16
C LYS C 145 -4.33 -7.46 -14.58
N ARG C 146 -4.80 -8.27 -15.54
CA ARG C 146 -4.93 -7.83 -16.93
C ARG C 146 -6.07 -6.81 -16.96
N LYS C 147 -5.96 -5.79 -17.81
CA LYS C 147 -7.00 -4.78 -17.90
C LYS C 147 -8.29 -5.37 -18.42
N GLY C 148 -9.39 -5.12 -17.71
CA GLY C 148 -10.69 -5.65 -18.11
C GLY C 148 -10.96 -7.04 -17.58
N TYR C 149 -10.06 -7.51 -16.70
CA TYR C 149 -10.18 -8.83 -16.10
C TYR C 149 -9.75 -8.76 -14.64
N ASN D 1 14.53 -6.00 -32.15
CA ASN D 1 13.30 -6.81 -32.35
C ASN D 1 13.39 -8.16 -31.61
N ILE D 2 12.59 -8.27 -30.56
CA ILE D 2 12.51 -9.47 -29.73
C ILE D 2 11.59 -10.49 -30.42
N THR D 3 11.61 -11.73 -29.94
CA THR D 3 10.77 -12.79 -30.50
C THR D 3 10.34 -13.78 -29.42
N VAL D 4 9.07 -13.75 -29.05
CA VAL D 4 8.56 -14.64 -28.01
C VAL D 4 7.93 -15.91 -28.57
N ARG D 5 8.28 -17.04 -27.97
CA ARG D 5 7.78 -18.35 -28.38
C ARG D 5 7.86 -19.37 -27.23
N PHE D 6 7.11 -20.47 -27.35
CA PHE D 6 7.12 -21.53 -26.34
C PHE D 6 8.48 -22.22 -26.33
N VAL D 7 8.84 -22.79 -25.19
CA VAL D 7 10.14 -23.45 -25.08
C VAL D 7 10.19 -24.82 -25.73
N THR D 8 11.37 -25.13 -26.26
CA THR D 8 11.64 -26.41 -26.91
C THR D 8 12.68 -27.05 -25.99
N GLU D 9 12.92 -28.35 -26.15
CA GLU D 9 13.91 -29.02 -25.29
C GLU D 9 15.28 -28.38 -25.47
N ASN D 10 15.52 -27.80 -26.64
CA ASN D 10 16.79 -27.13 -26.92
C ASN D 10 16.90 -25.74 -26.31
N ASP D 11 15.88 -25.36 -25.55
CA ASP D 11 15.86 -24.07 -24.87
C ASP D 11 16.03 -24.29 -23.36
N LYS D 12 16.38 -25.51 -22.96
CA LYS D 12 16.54 -25.82 -21.55
C LYS D 12 17.71 -25.12 -20.90
N GLU D 13 18.74 -24.82 -21.68
CA GLU D 13 19.91 -24.14 -21.13
C GLU D 13 19.69 -22.63 -21.04
N GLY D 14 19.18 -22.04 -22.12
CA GLY D 14 18.93 -20.62 -22.13
C GLY D 14 17.96 -20.24 -21.04
N TRP D 15 16.95 -21.07 -20.85
CA TRP D 15 15.94 -20.86 -19.82
C TRP D 15 16.55 -21.11 -18.44
N GLN D 16 17.23 -22.24 -18.31
CA GLN D 16 17.87 -22.64 -17.05
C GLN D 16 18.90 -21.60 -16.59
N ARG D 17 19.50 -20.91 -17.55
CA ARG D 17 20.48 -19.87 -17.26
C ARG D 17 19.77 -18.77 -16.50
N LEU D 18 18.73 -18.22 -17.14
CA LEU D 18 17.91 -17.15 -16.59
C LEU D 18 17.29 -17.58 -15.26
N TRP D 19 16.87 -18.84 -15.21
CA TRP D 19 16.25 -19.41 -14.02
C TRP D 19 17.14 -19.17 -12.80
N LYS D 20 18.43 -19.45 -12.94
CA LYS D 20 19.40 -19.25 -11.87
C LYS D 20 19.57 -17.76 -11.58
N SER D 21 19.58 -16.96 -12.64
CA SER D 21 19.73 -15.50 -12.55
C SER D 21 18.53 -14.89 -11.82
N TYR D 22 17.37 -15.50 -12.05
CA TYR D 22 16.11 -15.07 -11.45
C TYR D 22 16.13 -15.45 -9.96
N GLN D 23 16.87 -16.50 -9.63
CA GLN D 23 16.97 -16.93 -8.24
C GLN D 23 17.93 -16.01 -7.50
N ASP D 24 18.86 -15.43 -8.24
CA ASP D 24 19.83 -14.50 -7.69
C ASP D 24 19.07 -13.22 -7.36
N PHE D 25 18.48 -12.61 -8.39
CA PHE D 25 17.65 -11.42 -8.21
C PHE D 25 16.41 -12.02 -7.55
N TYR D 26 16.34 -11.96 -6.22
CA TYR D 26 15.24 -12.50 -5.39
C TYR D 26 15.85 -13.20 -4.18
N GLU D 27 17.16 -13.41 -4.24
CA GLU D 27 17.91 -14.06 -3.16
C GLU D 27 17.34 -15.40 -2.72
N VAL D 28 17.17 -16.29 -3.68
CA VAL D 28 16.63 -17.62 -3.41
C VAL D 28 17.42 -18.70 -4.14
N SER D 29 17.41 -19.91 -3.59
CA SER D 29 18.10 -21.05 -4.18
C SER D 29 17.22 -22.29 -4.04
N PHE D 30 16.61 -22.67 -5.17
CA PHE D 30 15.74 -23.84 -5.21
C PHE D 30 16.56 -25.09 -5.49
N PRO D 31 16.07 -26.27 -5.05
CA PRO D 31 16.79 -27.54 -5.27
C PRO D 31 17.13 -27.68 -6.76
N ASP D 32 18.30 -28.23 -7.05
CA ASP D 32 18.78 -28.39 -8.42
C ASP D 32 17.88 -29.21 -9.34
N ASP D 33 16.94 -29.95 -8.76
CA ASP D 33 16.00 -30.79 -9.51
C ASP D 33 14.85 -30.00 -10.12
N LEU D 34 14.34 -29.00 -9.39
CA LEU D 34 13.22 -28.18 -9.84
C LEU D 34 13.32 -27.72 -11.29
N ASP D 35 14.54 -27.46 -11.75
CA ASP D 35 14.80 -27.02 -13.10
C ASP D 35 14.21 -28.01 -14.09
N ASP D 36 14.56 -29.28 -13.90
CA ASP D 36 14.08 -30.36 -14.74
C ASP D 36 12.59 -30.56 -14.53
N PHE D 37 12.19 -30.70 -13.25
CA PHE D 37 10.79 -30.90 -12.85
C PHE D 37 9.84 -29.89 -13.49
N ASN D 38 10.30 -28.66 -13.63
CA ASN D 38 9.52 -27.61 -14.25
C ASN D 38 9.55 -27.76 -15.76
N PHE D 39 10.75 -27.90 -16.32
CA PHE D 39 10.89 -28.04 -17.76
C PHE D 39 10.06 -29.21 -18.27
N GLY D 40 9.93 -30.24 -17.41
CA GLY D 40 9.13 -31.40 -17.76
C GLY D 40 7.71 -30.92 -17.93
N ARG D 41 7.17 -30.34 -16.85
CA ARG D 41 5.80 -29.83 -16.86
C ARG D 41 5.56 -28.81 -17.98
N PHE D 42 6.62 -28.10 -18.37
CA PHE D 42 6.54 -27.11 -19.42
C PHE D 42 6.33 -27.76 -20.78
N LEU D 43 6.95 -28.93 -20.97
CA LEU D 43 6.88 -29.65 -22.24
C LEU D 43 5.72 -30.62 -22.39
N ASP D 44 5.31 -31.22 -21.27
CA ASP D 44 4.18 -32.16 -21.27
C ASP D 44 2.88 -31.44 -21.57
N PRO D 45 2.18 -31.87 -22.64
CA PRO D 45 0.91 -31.32 -23.10
C PRO D 45 -0.26 -31.54 -22.15
N ASN D 46 -0.06 -32.34 -21.11
CA ASN D 46 -1.11 -32.63 -20.16
C ASN D 46 -1.10 -31.74 -18.94
N ILE D 47 0.09 -31.27 -18.56
CA ILE D 47 0.23 -30.38 -17.43
C ILE D 47 0.08 -28.95 -17.94
N LYS D 48 -0.96 -28.29 -17.44
CA LYS D 48 -1.26 -26.92 -17.82
C LYS D 48 -0.32 -25.88 -17.22
N MET D 49 0.97 -26.07 -17.47
CA MET D 49 2.03 -25.17 -17.02
C MET D 49 2.94 -24.95 -18.21
N TRP D 50 3.03 -23.71 -18.66
CA TRP D 50 3.86 -23.38 -19.81
C TRP D 50 4.99 -22.44 -19.44
N ALA D 51 5.93 -22.31 -20.37
CA ALA D 51 7.09 -21.45 -20.23
C ALA D 51 7.38 -20.97 -21.64
N ALA D 52 7.73 -19.70 -21.77
CA ALA D 52 8.06 -19.13 -23.05
C ALA D 52 9.40 -18.47 -22.91
N VAL D 53 10.01 -18.12 -24.04
CA VAL D 53 11.30 -17.45 -24.03
C VAL D 53 11.34 -16.35 -25.06
N ALA D 54 12.09 -15.29 -24.75
CA ALA D 54 12.26 -14.18 -25.65
C ALA D 54 13.64 -14.39 -26.26
N VAL D 55 13.65 -14.78 -27.53
CA VAL D 55 14.91 -15.01 -28.24
C VAL D 55 15.22 -13.85 -29.15
N GLU D 56 16.45 -13.36 -29.04
CA GLU D 56 16.97 -12.24 -29.82
C GLU D 56 17.03 -12.70 -31.27
N SER D 57 16.07 -12.22 -32.06
CA SER D 57 15.98 -12.59 -33.47
C SER D 57 17.26 -12.35 -34.26
N SER D 58 17.95 -11.26 -33.96
CA SER D 58 19.18 -10.91 -34.66
C SER D 58 20.44 -11.63 -34.15
N SER D 59 20.26 -12.66 -33.33
CA SER D 59 21.40 -13.42 -32.78
C SER D 59 21.04 -14.76 -32.18
N GLU D 60 19.75 -15.09 -32.22
CA GLU D 60 19.24 -16.36 -31.68
C GLU D 60 19.61 -16.55 -30.19
N LYS D 61 19.49 -15.48 -29.41
CA LYS D 61 19.84 -15.56 -28.00
C LYS D 61 18.66 -15.37 -27.04
N ILE D 62 18.56 -16.27 -26.07
CA ILE D 62 17.48 -16.23 -25.08
C ILE D 62 17.61 -15.09 -24.07
N ILE D 63 16.80 -14.04 -24.27
CA ILE D 63 16.79 -12.86 -23.42
C ILE D 63 15.97 -13.04 -22.14
N GLY D 64 14.65 -13.12 -22.30
CA GLY D 64 13.77 -13.28 -21.14
C GLY D 64 12.97 -14.57 -21.09
N MET D 65 12.39 -14.86 -19.92
CA MET D 65 11.58 -16.06 -19.74
C MET D 65 10.29 -15.70 -19.02
N ILE D 66 9.28 -16.52 -19.21
CA ILE D 66 8.02 -16.29 -18.53
C ILE D 66 7.36 -17.64 -18.28
N ASN D 67 7.13 -17.92 -17.01
CA ASN D 67 6.52 -19.17 -16.60
C ASN D 67 5.14 -18.86 -16.10
N PHE D 68 4.16 -19.59 -16.65
CA PHE D 68 2.78 -19.41 -16.28
C PHE D 68 2.00 -20.73 -16.27
N PHE D 69 0.86 -20.72 -15.60
CA PHE D 69 0.05 -21.93 -15.51
C PHE D 69 -1.41 -21.61 -15.23
N ASN D 70 -2.22 -22.67 -15.29
CA ASN D 70 -3.66 -22.61 -15.09
C ASN D 70 -4.05 -23.03 -13.66
N HIS D 71 -5.19 -22.52 -13.20
CA HIS D 71 -5.73 -22.86 -11.89
C HIS D 71 -7.19 -22.43 -11.81
N MET D 72 -7.98 -23.14 -11.00
CA MET D 72 -9.40 -22.85 -10.87
C MET D 72 -9.71 -21.53 -10.15
N THR D 73 -11.00 -21.28 -9.91
CA THR D 73 -11.46 -20.08 -9.22
C THR D 73 -12.94 -20.25 -8.87
N THR D 74 -13.26 -20.11 -7.58
CA THR D 74 -14.65 -20.27 -7.13
C THR D 74 -15.55 -19.22 -7.74
N TRP D 75 -14.94 -18.23 -8.38
CA TRP D 75 -15.66 -17.15 -9.05
C TRP D 75 -15.50 -17.53 -10.52
N ASP D 76 -16.58 -17.44 -11.30
CA ASP D 76 -16.54 -17.79 -12.72
C ASP D 76 -16.24 -19.28 -13.03
N PHE D 77 -16.83 -19.75 -14.14
CA PHE D 77 -16.66 -21.14 -14.60
C PHE D 77 -15.30 -21.34 -15.24
N LYS D 78 -14.78 -20.28 -15.86
CA LYS D 78 -13.49 -20.32 -16.55
C LYS D 78 -12.31 -20.16 -15.62
N ASP D 79 -11.30 -21.00 -15.80
CA ASP D 79 -10.08 -20.94 -15.01
C ASP D 79 -9.32 -19.66 -15.36
N LYS D 80 -8.21 -19.42 -14.65
CA LYS D 80 -7.39 -18.24 -14.91
C LYS D 80 -5.92 -18.59 -14.99
N ILE D 81 -5.15 -17.68 -15.60
CA ILE D 81 -3.72 -17.88 -15.77
C ILE D 81 -2.90 -16.98 -14.86
N TYR D 82 -1.93 -17.60 -14.22
CA TYR D 82 -1.04 -16.93 -13.30
C TYR D 82 0.39 -16.91 -13.81
N ILE D 83 0.98 -15.73 -13.91
CA ILE D 83 2.35 -15.58 -14.34
C ILE D 83 3.23 -15.72 -13.08
N ASN D 84 3.74 -16.92 -12.87
CA ASN D 84 4.54 -17.22 -11.71
C ASN D 84 5.93 -16.59 -11.75
N ASP D 85 6.53 -16.54 -12.93
CA ASP D 85 7.87 -15.98 -13.11
C ASP D 85 7.91 -15.14 -14.36
N LEU D 86 8.80 -14.15 -14.35
CA LEU D 86 9.04 -13.25 -15.47
C LEU D 86 10.40 -12.63 -15.21
N TYR D 87 11.34 -12.85 -16.12
CA TYR D 87 12.69 -12.32 -15.96
C TYR D 87 13.41 -12.11 -17.28
N VAL D 88 13.58 -10.84 -17.64
CA VAL D 88 14.29 -10.46 -18.84
C VAL D 88 15.79 -10.41 -18.52
N ASP D 89 16.61 -10.35 -19.56
CA ASP D 89 18.07 -10.29 -19.44
C ASP D 89 18.58 -9.04 -18.72
N GLU D 90 19.29 -9.27 -17.63
CA GLU D 90 19.87 -8.21 -16.80
C GLU D 90 20.98 -7.40 -17.52
N ASN D 91 21.46 -7.93 -18.64
CA ASN D 91 22.52 -7.27 -19.41
C ASN D 91 22.05 -6.59 -20.69
N SER D 92 21.08 -5.68 -20.56
CA SER D 92 20.52 -4.92 -21.68
C SER D 92 19.33 -4.10 -21.17
N ARG D 93 19.35 -2.79 -21.40
CA ARG D 93 18.27 -1.91 -20.93
C ARG D 93 17.50 -1.20 -22.07
N VAL D 94 16.20 -1.04 -21.85
CA VAL D 94 15.25 -0.41 -22.77
C VAL D 94 15.00 -1.19 -24.08
N LYS D 95 14.90 -2.51 -23.95
CA LYS D 95 14.62 -3.35 -25.10
C LYS D 95 13.10 -3.39 -25.26
N GLY D 96 12.51 -4.58 -25.15
CA GLY D 96 11.07 -4.70 -25.29
C GLY D 96 10.53 -5.97 -24.68
N ALA D 97 11.44 -6.88 -24.31
CA ALA D 97 11.06 -8.14 -23.71
C ALA D 97 10.29 -7.87 -22.41
N GLY D 98 9.47 -8.83 -21.99
CA GLY D 98 8.67 -8.62 -20.80
C GLY D 98 7.37 -8.02 -21.25
N GLY D 99 7.46 -7.00 -22.10
CA GLY D 99 6.25 -6.39 -22.64
C GLY D 99 5.69 -7.37 -23.64
N LYS D 100 6.60 -7.91 -24.47
CA LYS D 100 6.23 -8.88 -25.48
C LYS D 100 5.88 -10.24 -24.88
N LEU D 101 6.49 -10.55 -23.74
CA LEU D 101 6.24 -11.81 -23.05
C LEU D 101 4.86 -11.77 -22.40
N ILE D 102 4.57 -10.70 -21.68
CA ILE D 102 3.27 -10.54 -21.02
C ILE D 102 2.14 -10.55 -22.05
N GLN D 103 2.46 -10.12 -23.26
CA GLN D 103 1.46 -10.11 -24.32
C GLN D 103 1.25 -11.52 -24.91
N PHE D 104 2.33 -12.29 -24.99
CA PHE D 104 2.25 -13.65 -25.52
C PHE D 104 1.28 -14.43 -24.65
N VAL D 105 1.41 -14.28 -23.34
CA VAL D 105 0.53 -14.97 -22.40
C VAL D 105 -0.91 -14.52 -22.57
N TYR D 106 -1.11 -13.23 -22.83
CA TYR D 106 -2.45 -12.68 -23.04
C TYR D 106 -3.10 -13.36 -24.23
N ASP D 107 -2.33 -13.46 -25.31
CA ASP D 107 -2.76 -14.08 -26.56
C ASP D 107 -3.08 -15.56 -26.40
N GLU D 108 -2.14 -16.31 -25.83
CA GLU D 108 -2.30 -17.74 -25.61
C GLU D 108 -3.41 -18.02 -24.61
N ALA D 109 -3.71 -17.03 -23.79
CA ALA D 109 -4.75 -17.17 -22.78
C ALA D 109 -6.11 -17.02 -23.45
N ASP D 110 -6.20 -16.08 -24.39
CA ASP D 110 -7.42 -15.84 -25.13
C ASP D 110 -7.86 -17.05 -25.94
N LYS D 111 -6.88 -17.75 -26.52
CA LYS D 111 -7.14 -18.94 -27.33
C LYS D 111 -7.58 -20.13 -26.50
N LEU D 112 -7.11 -20.18 -25.27
CA LEU D 112 -7.44 -21.26 -24.34
C LEU D 112 -8.80 -21.10 -23.70
N GLY D 113 -9.38 -19.90 -23.79
CA GLY D 113 -10.67 -19.64 -23.18
C GLY D 113 -10.53 -19.18 -21.74
N THR D 114 -9.29 -18.89 -21.34
CA THR D 114 -8.99 -18.43 -19.98
C THR D 114 -8.19 -17.14 -20.09
N PRO D 115 -8.83 -16.05 -20.55
CA PRO D 115 -8.24 -14.72 -20.73
C PRO D 115 -7.81 -14.00 -19.47
N SER D 116 -8.36 -14.40 -18.34
CA SER D 116 -8.03 -13.77 -17.06
C SER D 116 -6.63 -14.11 -16.61
N VAL D 117 -5.72 -13.15 -16.81
CA VAL D 117 -4.30 -13.30 -16.45
C VAL D 117 -3.92 -12.36 -15.30
N TYR D 118 -3.10 -12.87 -14.39
CA TYR D 118 -2.63 -12.06 -13.25
C TYR D 118 -1.26 -12.49 -12.71
N TRP D 119 -0.61 -11.56 -12.00
CA TRP D 119 0.71 -11.79 -11.40
C TRP D 119 0.90 -10.77 -10.29
N CYS D 120 2.07 -10.80 -9.65
CA CYS D 120 2.38 -9.84 -8.59
C CYS D 120 3.89 -9.61 -8.45
N THR D 121 4.27 -8.51 -7.81
CA THR D 121 5.67 -8.17 -7.58
C THR D 121 5.80 -7.52 -6.21
N ASP D 122 7.04 -7.14 -5.89
CA ASP D 122 7.31 -6.46 -4.64
C ASP D 122 6.90 -5.00 -4.82
N GLU D 123 6.32 -4.42 -3.77
CA GLU D 123 5.88 -3.03 -3.79
C GLU D 123 7.09 -2.16 -4.11
N SER D 124 8.23 -2.57 -3.57
CA SER D 124 9.50 -1.88 -3.76
C SER D 124 9.99 -1.86 -5.22
N ASN D 125 9.59 -2.84 -6.01
CA ASN D 125 9.99 -2.92 -7.41
C ASN D 125 9.25 -1.87 -8.24
N HIS D 126 9.92 -0.78 -8.54
CA HIS D 126 9.32 0.30 -9.32
C HIS D 126 9.67 0.25 -10.80
N ARG D 127 10.81 -0.36 -11.11
CA ARG D 127 11.25 -0.46 -12.50
C ARG D 127 10.30 -1.34 -13.32
N ALA D 128 9.86 -2.44 -12.72
CA ALA D 128 8.95 -3.39 -13.36
C ALA D 128 7.54 -2.81 -13.45
N GLN D 129 7.13 -2.12 -12.41
CA GLN D 129 5.81 -1.51 -12.36
C GLN D 129 5.58 -0.40 -13.38
N LEU D 130 6.65 0.05 -14.04
CA LEU D 130 6.50 1.06 -15.09
C LEU D 130 5.74 0.40 -16.22
N LEU D 131 6.01 -0.89 -16.40
CA LEU D 131 5.38 -1.70 -17.43
C LEU D 131 3.98 -2.15 -17.02
N TYR D 132 3.90 -2.88 -15.92
CA TYR D 132 2.64 -3.43 -15.42
C TYR D 132 1.44 -2.50 -15.47
N VAL D 133 1.67 -1.21 -15.34
CA VAL D 133 0.57 -0.24 -15.37
C VAL D 133 0.11 -0.03 -16.82
N LYS D 134 1.02 -0.23 -17.77
CA LYS D 134 0.70 -0.08 -19.19
C LYS D 134 -0.11 -1.29 -19.63
N VAL D 135 0.27 -2.47 -19.14
CA VAL D 135 -0.40 -3.71 -19.50
C VAL D 135 -1.41 -4.28 -18.50
N GLY D 136 -1.53 -3.66 -17.34
CA GLY D 136 -2.46 -4.14 -16.34
C GLY D 136 -2.87 -3.06 -15.37
N TYR D 137 -3.28 -3.46 -14.17
CA TYR D 137 -3.66 -2.50 -13.15
C TYR D 137 -3.46 -3.10 -11.77
N LYS D 138 -2.99 -2.27 -10.83
CA LYS D 138 -2.75 -2.72 -9.47
C LYS D 138 -4.07 -2.99 -8.77
N ALA D 139 -4.28 -4.25 -8.40
CA ALA D 139 -5.49 -4.65 -7.69
C ALA D 139 -5.35 -4.21 -6.25
N PRO D 140 -6.41 -3.61 -5.68
CA PRO D 140 -6.47 -3.12 -4.30
C PRO D 140 -6.50 -4.26 -3.28
N LYS D 141 -5.79 -5.34 -3.55
CA LYS D 141 -5.77 -6.48 -2.66
C LYS D 141 -4.43 -6.60 -1.95
N ILE D 142 -4.50 -7.19 -0.75
CA ILE D 142 -3.33 -7.40 0.09
C ILE D 142 -3.17 -8.90 0.28
N LEU D 143 -2.07 -9.44 -0.22
CA LEU D 143 -1.78 -10.87 -0.14
C LEU D 143 -1.36 -11.32 1.27
N TYR D 144 -1.92 -12.44 1.72
CA TYR D 144 -1.62 -13.02 3.03
C TYR D 144 -1.16 -14.48 2.97
N LYS D 145 0.00 -14.76 3.53
CA LYS D 145 0.54 -16.11 3.53
C LYS D 145 0.60 -16.72 4.94
N ARG D 146 0.59 -18.05 5.00
CA ARG D 146 0.65 -18.79 6.26
C ARG D 146 2.03 -18.61 6.87
N LYS D 147 2.10 -18.50 8.18
CA LYS D 147 3.37 -18.30 8.87
C LYS D 147 4.37 -19.42 8.60
N GLY D 148 5.59 -19.03 8.25
CA GLY D 148 6.62 -19.99 7.94
C GLY D 148 6.64 -20.38 6.47
N TYR D 149 5.66 -19.89 5.71
CA TYR D 149 5.55 -20.19 4.29
C TYR D 149 5.58 -18.94 3.41
#